data_6D0Z
#
_entry.id   6D0Z
#
_cell.length_a   98.789
_cell.length_b   98.789
_cell.length_c   81.772
_cell.angle_alpha   90.00
_cell.angle_beta   90.00
_cell.angle_gamma   120.00
#
_symmetry.space_group_name_H-M   'P 61'
#
loop_
_entity.id
_entity.type
_entity.pdbx_description
1 polymer 'DNA polymerase eta'
2 polymer "DNA (5'-D(*CP*AP*TP*TP*GP*CP*AP*GP*TP*GP*CP*T)-3')"
3 polymer "DNA/RNA (5'-D(*AP*GP*CP*AP*CP*TP*G)-R(P*(CAR))-3')"
4 non-polymer 'MAGNESIUM ION'
5 non-polymer "2'-deoxy-5'-O-[(R)-hydroxy{[(R)-hydroxy(phosphonooxy)phosphoryl]amino}phosphoryl]adenosine"
6 non-polymer GLYCEROL
7 water water
#
loop_
_entity_poly.entity_id
_entity_poly.type
_entity_poly.pdbx_seq_one_letter_code
_entity_poly.pdbx_strand_id
1 'polypeptide(L)'
;GPHMATGQDRVVALVDMDCFFVQVEQRQNPHLRNKPCAVVQYKSWKGGGIIAVSYEARAFGVTRSMWADDAKKLCPDLLL
AQVRESRGKANLTKYREASVEVMEIMSRFAVIERASIDEAYVDLTSAVQERLQKLQGQPISADLLPSTYIEGLPQGPTTA
EETVQKEGMRKQGLFQWLDSLQIDNLTSPDLQLTVGAVIVEEMRAAIERETGFQCSAGISHNKVLAKLACGLNKPNRQTL
VSHGSVPQLFSQMPIRKIRSLGGKLGASVIEILGIEYMGELTQFTESQLQSHFGEKNGSWLYAMCRGIEHDPVKPRQLPK
TIGCSKNFPGKTALATREQVQWWLLQLAQELEERLTKDRNDNDRVATQLVVSIRVQGDKRLSSLRRCCALTRYDAHKMSH
DAFTVIKNMNTSGIQTEWSPPLTMLFLCATKFSAS
;
A
2 'polydeoxyribonucleotide' (DC)(DA)(DT)(DT)(DG)(DC)(DA)(DG)(DT)(DG)(DC)(DT) T
3 'polydeoxyribonucleotide' (DA)(DG)(DC)(DA)(DC)(DT)(DG)(CAR) P
#
loop_
_chem_comp.id
_chem_comp.type
_chem_comp.name
_chem_comp.formula
CAR RNA linking 'CYTOSINE ARABINOSE-5'-PHOSPHATE' 'C9 H14 N3 O8 P'
DA DNA linking 2'-DEOXYADENOSINE-5'-MONOPHOSPHATE 'C10 H14 N5 O6 P'
DC DNA linking 2'-DEOXYCYTIDINE-5'-MONOPHOSPHATE 'C9 H14 N3 O7 P'
DG DNA linking 2'-DEOXYGUANOSINE-5'-MONOPHOSPHATE 'C10 H14 N5 O7 P'
DT DNA linking THYMIDINE-5'-MONOPHOSPHATE 'C10 H15 N2 O8 P'
DZ4 non-polymer 2'-deoxy-5'-O-[(R)-hydroxy{[(R)-hydroxy(phosphonooxy)phosphoryl]amino}phosphoryl]adenosine 'C10 H17 N6 O11 P3'
GOL non-polymer GLYCEROL 'C3 H8 O3'
MG non-polymer 'MAGNESIUM ION' 'Mg 2'
#
# COMPACT_ATOMS: atom_id res chain seq x y z
N GLY A 1 23.04 2.44 -28.69
CA GLY A 1 21.95 2.84 -29.63
C GLY A 1 20.93 1.72 -29.83
N PRO A 2 21.14 0.86 -30.83
CA PRO A 2 20.18 -0.24 -31.06
C PRO A 2 20.12 -1.27 -29.93
N HIS A 3 21.15 -1.38 -29.09
CA HIS A 3 21.20 -2.42 -28.07
C HIS A 3 20.94 -1.89 -26.67
N MET A 4 20.60 -0.61 -26.53
CA MET A 4 20.33 -0.03 -25.22
C MET A 4 18.89 -0.34 -24.83
N ALA A 5 18.71 -1.19 -23.81
CA ALA A 5 17.38 -1.47 -23.29
C ALA A 5 16.74 -0.19 -22.80
N THR A 6 15.43 -0.04 -23.06
CA THR A 6 14.71 1.15 -22.66
C THR A 6 13.63 0.86 -21.62
N GLY A 7 13.47 -0.38 -21.19
CA GLY A 7 12.52 -0.68 -20.14
C GLY A 7 11.09 -0.35 -20.53
N GLN A 8 10.72 -0.65 -21.76
CA GLN A 8 9.40 -0.34 -22.29
C GLN A 8 8.64 -1.59 -22.69
N ASP A 9 9.03 -2.74 -22.14
CA ASP A 9 8.51 -4.03 -22.57
C ASP A 9 7.17 -4.38 -21.95
N ARG A 10 6.80 -3.75 -20.83
CA ARG A 10 5.59 -4.09 -20.11
C ARG A 10 4.68 -2.88 -19.98
N VAL A 11 3.41 -3.16 -19.73
CA VAL A 11 2.44 -2.16 -19.27
C VAL A 11 2.03 -2.57 -17.87
N VAL A 12 2.30 -1.69 -16.90
CA VAL A 12 2.02 -1.97 -15.49
C VAL A 12 1.16 -0.83 -14.94
N ALA A 13 0.17 -1.17 -14.14
CA ALA A 13 -0.63 -0.18 -13.45
C ALA A 13 -0.58 -0.43 -11.94
N LEU A 14 -0.79 0.64 -11.19
CA LEU A 14 -0.94 0.58 -9.75
C LEU A 14 -2.24 1.29 -9.40
N VAL A 15 -3.16 0.55 -8.77
CA VAL A 15 -4.44 1.10 -8.32
C VAL A 15 -4.36 1.29 -6.81
N ASP A 16 -4.73 2.49 -6.36
CA ASP A 16 -4.64 2.87 -4.94
C ASP A 16 -5.97 3.51 -4.56
N MET A 17 -6.72 2.87 -3.67
CA MET A 17 -8.02 3.41 -3.28
C MET A 17 -7.83 4.76 -2.60
N ASP A 18 -8.77 5.67 -2.85
CA ASP A 18 -8.75 6.98 -2.23
C ASP A 18 -9.30 6.91 -0.80
N CYS A 19 -8.64 7.61 0.12
CA CYS A 19 -8.97 7.61 1.55
C CYS A 19 -9.77 6.37 1.94
N PHE A 20 -9.14 5.20 1.87
CA PHE A 20 -9.87 3.94 1.76
C PHE A 20 -10.80 3.70 2.96
N PHE A 21 -10.25 3.67 4.17
CA PHE A 21 -11.09 3.34 5.32
C PHE A 21 -12.22 4.36 5.47
N VAL A 22 -11.98 5.61 5.07
CA VAL A 22 -13.03 6.62 5.10
C VAL A 22 -14.16 6.24 4.15
N GLN A 23 -13.81 5.82 2.92
CA GLN A 23 -14.85 5.45 1.96
C GLN A 23 -15.66 4.27 2.44
N VAL A 24 -15.01 3.30 3.08
CA VAL A 24 -15.73 2.15 3.63
C VAL A 24 -16.78 2.62 4.63
N GLU A 25 -16.39 3.56 5.50
CA GLU A 25 -17.33 4.04 6.52
C GLU A 25 -18.38 4.96 5.92
N GLN A 26 -18.02 5.72 4.88
CA GLN A 26 -18.99 6.59 4.22
C GLN A 26 -20.01 5.79 3.42
N ARG A 27 -19.61 4.68 2.82
CA ARG A 27 -20.59 3.82 2.16
C ARG A 27 -21.60 3.33 3.18
N GLN A 28 -21.13 2.89 4.34
CA GLN A 28 -22.00 2.33 5.37
C GLN A 28 -22.90 3.38 5.99
N ASN A 29 -22.37 4.57 6.26
CA ASN A 29 -23.11 5.63 6.93
C ASN A 29 -23.21 6.84 6.01
N PRO A 30 -24.30 6.99 5.27
CA PRO A 30 -24.40 8.12 4.32
C PRO A 30 -24.26 9.49 4.97
N HIS A 31 -24.50 9.62 6.28
CA HIS A 31 -24.34 10.92 6.94
C HIS A 31 -22.90 11.42 6.88
N LEU A 32 -21.93 10.54 6.62
CA LEU A 32 -20.53 10.93 6.56
C LEU A 32 -20.09 11.33 5.16
N ARG A 33 -20.92 11.12 4.14
CA ARG A 33 -20.49 11.36 2.77
C ARG A 33 -20.34 12.85 2.50
N ASN A 34 -19.29 13.19 1.74
CA ASN A 34 -19.05 14.57 1.31
C ASN A 34 -18.86 15.50 2.51
N LYS A 35 -18.25 14.98 3.56
CA LYS A 35 -18.02 15.70 4.79
C LYS A 35 -16.57 15.60 5.19
N PRO A 36 -16.05 16.57 5.95
CA PRO A 36 -14.76 16.34 6.62
C PRO A 36 -14.91 15.25 7.66
N CYS A 37 -14.28 14.11 7.43
N CYS A 37 -14.21 14.15 7.46
CA CYS A 37 -14.36 13.03 8.36
CA CYS A 37 -14.42 12.92 8.21
C CYS A 37 -13.07 12.23 8.37
N ALA A 38 -12.91 11.46 9.44
CA ALA A 38 -11.70 10.67 9.64
C ALA A 38 -12.07 9.37 10.33
N VAL A 39 -11.20 8.39 10.20
CA VAL A 39 -11.32 7.11 10.89
C VAL A 39 -10.29 7.07 12.01
N VAL A 40 -10.74 6.67 13.19
CA VAL A 40 -9.95 6.71 14.41
C VAL A 40 -9.99 5.33 15.04
N GLN A 41 -8.89 4.92 15.68
CA GLN A 41 -8.94 3.73 16.51
C GLN A 41 -8.71 4.09 17.97
N TYR A 42 -9.55 3.50 18.82
CA TYR A 42 -9.61 3.82 20.25
C TYR A 42 -10.14 5.24 20.43
N LYS A 43 -10.26 5.69 21.68
CA LYS A 43 -10.99 6.93 21.94
C LYS A 43 -10.55 7.59 23.24
N SER A 44 -10.12 6.78 24.21
CA SER A 44 -9.86 7.30 25.55
C SER A 44 -8.65 8.22 25.56
N TRP A 45 -7.58 7.86 24.86
CA TRP A 45 -6.34 8.64 24.87
C TRP A 45 -6.44 9.69 23.76
N LYS A 46 -6.68 10.94 24.16
CA LYS A 46 -6.64 12.10 23.26
C LYS A 46 -7.63 11.97 22.12
N GLY A 47 -8.75 11.27 22.35
CA GLY A 47 -9.80 11.15 21.37
C GLY A 47 -9.61 10.06 20.36
N GLY A 48 -8.49 9.33 20.41
CA GLY A 48 -8.22 8.29 19.45
C GLY A 48 -7.19 8.72 18.41
N GLY A 49 -6.53 7.73 17.82
CA GLY A 49 -5.54 7.98 16.78
C GLY A 49 -6.17 7.90 15.41
N ILE A 50 -5.96 8.94 14.61
CA ILE A 50 -6.50 9.00 13.25
C ILE A 50 -5.64 8.14 12.33
N ILE A 51 -6.29 7.30 11.53
CA ILE A 51 -5.57 6.49 10.54
C ILE A 51 -6.00 6.78 9.11
N ALA A 52 -7.10 7.48 8.87
CA ALA A 52 -7.53 7.83 7.52
C ALA A 52 -8.36 9.11 7.56
N VAL A 53 -8.25 9.90 6.48
CA VAL A 53 -8.77 11.26 6.46
C VAL A 53 -9.39 11.55 5.10
N SER A 54 -10.64 12.03 5.10
CA SER A 54 -11.28 12.43 3.86
C SER A 54 -10.63 13.68 3.30
N TYR A 55 -10.77 13.87 1.98
CA TYR A 55 -10.10 14.99 1.35
C TYR A 55 -10.68 16.32 1.80
N GLU A 56 -11.97 16.36 2.17
CA GLU A 56 -12.52 17.57 2.77
C GLU A 56 -11.82 17.91 4.08
N ALA A 57 -11.48 16.89 4.88
CA ALA A 57 -10.80 17.14 6.15
C ALA A 57 -9.32 17.48 5.96
N ARG A 58 -8.68 16.90 4.94
CA ARG A 58 -7.28 17.24 4.66
C ARG A 58 -7.11 18.72 4.37
N ALA A 59 -8.12 19.36 3.79
CA ALA A 59 -8.03 20.78 3.49
C ALA A 59 -7.89 21.62 4.75
N PHE A 60 -8.29 21.08 5.90
CA PHE A 60 -8.08 21.75 7.19
C PHE A 60 -6.74 21.42 7.82
N GLY A 61 -5.96 20.50 7.24
CA GLY A 61 -4.71 20.08 7.82
C GLY A 61 -4.76 18.82 8.64
N VAL A 62 -5.91 18.13 8.68
CA VAL A 62 -6.00 16.87 9.42
C VAL A 62 -5.19 15.81 8.69
N THR A 63 -4.43 15.01 9.46
CA THR A 63 -3.57 14.00 8.88
C THR A 63 -3.62 12.72 9.69
N ARG A 64 -3.22 11.63 9.05
CA ARG A 64 -2.96 10.38 9.74
C ARG A 64 -1.95 10.59 10.86
N SER A 65 -2.10 9.80 11.93
CA SER A 65 -1.26 9.78 13.13
C SER A 65 -1.64 10.91 14.10
N MET A 66 -2.50 11.84 13.70
CA MET A 66 -2.96 12.91 14.57
C MET A 66 -3.94 12.36 15.60
N TRP A 67 -3.86 12.87 16.83
CA TRP A 67 -4.90 12.56 17.81
C TRP A 67 -6.17 13.30 17.45
N ALA A 68 -7.32 12.62 17.60
CA ALA A 68 -8.58 13.23 17.20
C ALA A 68 -8.84 14.52 17.96
N ASP A 69 -8.44 14.61 19.23
CA ASP A 69 -8.60 15.85 19.97
C ASP A 69 -7.85 16.98 19.27
N ASP A 70 -6.66 16.70 18.75
CA ASP A 70 -5.88 17.72 18.06
C ASP A 70 -6.48 18.03 16.70
N ALA A 71 -6.96 17.00 15.99
CA ALA A 71 -7.60 17.21 14.70
C ALA A 71 -8.81 18.12 14.84
N LYS A 72 -9.59 17.95 15.92
CA LYS A 72 -10.73 18.81 16.18
C LYS A 72 -10.32 20.27 16.36
N LYS A 73 -9.08 20.53 16.77
CA LYS A 73 -8.63 21.91 16.90
C LYS A 73 -8.49 22.56 15.53
N LEU A 74 -8.10 21.80 14.51
CA LEU A 74 -8.01 22.33 13.16
C LEU A 74 -9.35 22.31 12.44
N CYS A 75 -10.21 21.35 12.79
CA CYS A 75 -11.45 21.09 12.07
C CYS A 75 -12.53 20.77 13.09
N PRO A 76 -13.17 21.79 13.66
CA PRO A 76 -14.12 21.54 14.75
C PRO A 76 -15.34 20.72 14.32
N ASP A 77 -15.72 20.78 13.05
CA ASP A 77 -16.85 20.01 12.54
C ASP A 77 -16.44 18.63 12.03
N LEU A 78 -15.20 18.21 12.29
CA LEU A 78 -14.73 16.91 11.82
C LEU A 78 -15.63 15.80 12.34
N LEU A 79 -16.09 14.94 11.44
CA LEU A 79 -16.84 13.75 11.83
C LEU A 79 -15.90 12.56 11.93
N LEU A 80 -16.24 11.63 12.82
CA LEU A 80 -15.37 10.50 13.12
C LEU A 80 -16.13 9.20 13.05
N ALA A 81 -15.49 8.19 12.46
CA ALA A 81 -15.93 6.81 12.53
C ALA A 81 -14.86 6.00 13.24
N GLN A 82 -15.28 5.13 14.14
CA GLN A 82 -14.36 4.38 14.97
C GLN A 82 -14.14 2.99 14.40
N VAL A 83 -12.87 2.56 14.41
CA VAL A 83 -12.55 1.17 14.12
C VAL A 83 -13.24 0.28 15.14
N ARG A 84 -13.79 -0.84 14.65
CA ARG A 84 -14.42 -1.81 15.52
C ARG A 84 -13.45 -2.30 16.58
N GLU A 85 -13.96 -2.54 17.78
CA GLU A 85 -13.18 -3.14 18.85
C GLU A 85 -13.82 -4.46 19.23
N SER A 86 -13.01 -5.52 19.26
CA SER A 86 -13.45 -6.86 19.62
C SER A 86 -12.36 -7.49 20.47
N ARG A 87 -12.75 -8.12 21.56
CA ARG A 87 -11.81 -8.78 22.46
C ARG A 87 -10.76 -7.80 22.98
N GLY A 88 -11.14 -6.53 23.15
CA GLY A 88 -10.28 -5.54 23.74
C GLY A 88 -9.28 -4.90 22.80
N LYS A 89 -9.40 -5.10 21.49
CA LYS A 89 -8.43 -4.56 20.56
C LYS A 89 -9.13 -4.11 19.29
N ALA A 90 -8.45 -3.25 18.54
CA ALA A 90 -8.93 -2.87 17.21
C ALA A 90 -9.06 -4.10 16.35
N ASN A 91 -10.10 -4.11 15.51
CA ASN A 91 -10.37 -5.22 14.61
C ASN A 91 -10.60 -4.64 13.21
N LEU A 92 -9.75 -5.03 12.26
CA LEU A 92 -9.77 -4.45 10.92
C LEU A 92 -10.57 -5.27 9.92
N THR A 93 -11.43 -6.17 10.40
CA THR A 93 -12.10 -7.11 9.50
C THR A 93 -12.89 -6.37 8.42
N LYS A 94 -13.57 -5.28 8.79
CA LYS A 94 -14.41 -4.60 7.81
C LYS A 94 -13.61 -4.12 6.62
N TYR A 95 -12.40 -3.62 6.87
CA TYR A 95 -11.57 -3.08 5.80
C TYR A 95 -10.90 -4.20 4.99
N ARG A 96 -10.53 -5.30 5.66
CA ARG A 96 -10.01 -6.44 4.93
C ARG A 96 -11.05 -7.01 3.97
N GLU A 97 -12.32 -7.06 4.40
CA GLU A 97 -13.37 -7.58 3.53
C GLU A 97 -13.68 -6.63 2.39
N ALA A 98 -13.68 -5.32 2.66
CA ALA A 98 -13.84 -4.36 1.58
C ALA A 98 -12.69 -4.45 0.58
N SER A 99 -11.47 -4.69 1.07
CA SER A 99 -10.34 -4.88 0.18
C SER A 99 -10.56 -6.07 -0.74
N VAL A 100 -11.07 -7.18 -0.20
CA VAL A 100 -11.36 -8.35 -1.03
C VAL A 100 -12.34 -7.99 -2.13
N GLU A 101 -13.36 -7.18 -1.82
CA GLU A 101 -14.31 -6.75 -2.85
C GLU A 101 -13.57 -6.14 -4.04
N VAL A 102 -12.65 -5.23 -3.75
CA VAL A 102 -11.96 -4.50 -4.83
C VAL A 102 -11.00 -5.43 -5.56
N MET A 103 -10.25 -6.23 -4.81
CA MET A 103 -9.25 -7.09 -5.44
C MET A 103 -9.91 -8.12 -6.33
N GLU A 104 -11.09 -8.61 -5.98
CA GLU A 104 -11.76 -9.59 -6.82
C GLU A 104 -12.23 -8.96 -8.13
N ILE A 105 -12.65 -7.70 -8.10
CA ILE A 105 -13.00 -7.00 -9.34
C ILE A 105 -11.77 -6.83 -10.22
N MET A 106 -10.66 -6.36 -9.63
CA MET A 106 -9.46 -6.13 -10.43
C MET A 106 -8.99 -7.43 -11.08
N SER A 107 -9.14 -8.56 -10.38
CA SER A 107 -8.65 -9.82 -10.89
C SER A 107 -9.40 -10.28 -12.13
N ARG A 108 -10.57 -9.70 -12.43
CA ARG A 108 -11.28 -10.06 -13.65
C ARG A 108 -10.53 -9.56 -14.88
N PHE A 109 -9.76 -8.49 -14.73
CA PHE A 109 -9.08 -7.88 -15.86
C PHE A 109 -7.68 -8.42 -16.08
N ALA A 110 -6.98 -8.79 -15.03
CA ALA A 110 -5.61 -9.28 -15.15
C ALA A 110 -5.15 -9.83 -13.81
N VAL A 111 -4.05 -10.58 -13.85
CA VAL A 111 -3.42 -11.02 -12.61
C VAL A 111 -2.93 -9.81 -11.85
N ILE A 112 -3.14 -9.81 -10.53
CA ILE A 112 -2.77 -8.68 -9.70
C ILE A 112 -1.79 -9.14 -8.64
N GLU A 113 -1.01 -8.19 -8.16
CA GLU A 113 -0.18 -8.34 -6.97
C GLU A 113 -0.78 -7.45 -5.89
N ARG A 114 -1.31 -8.08 -4.84
CA ARG A 114 -1.81 -7.33 -3.68
C ARG A 114 -0.63 -6.68 -2.97
N ALA A 115 -0.53 -5.35 -3.06
CA ALA A 115 0.60 -4.64 -2.47
C ALA A 115 0.30 -4.14 -1.06
N SER A 116 -0.96 -3.91 -0.74
CA SER A 116 -1.37 -3.48 0.60
C SER A 116 -2.86 -3.73 0.72
N ILE A 117 -3.46 -3.29 1.83
CA ILE A 117 -4.88 -3.50 2.02
C ILE A 117 -5.70 -2.79 0.94
N ASP A 118 -5.17 -1.72 0.33
CA ASP A 118 -5.97 -0.95 -0.62
C ASP A 118 -5.24 -0.62 -1.92
N GLU A 119 -4.17 -1.34 -2.27
CA GLU A 119 -3.61 -1.14 -3.61
C GLU A 119 -3.09 -2.46 -4.17
N ALA A 120 -3.09 -2.52 -5.50
CA ALA A 120 -2.64 -3.70 -6.22
C ALA A 120 -1.95 -3.26 -7.50
N TYR A 121 -0.91 -3.98 -7.87
CA TYR A 121 -0.30 -3.82 -9.18
C TYR A 121 -0.97 -4.75 -10.18
N VAL A 122 -1.00 -4.30 -11.43
CA VAL A 122 -1.65 -5.01 -12.51
C VAL A 122 -0.67 -5.09 -13.68
N ASP A 123 -0.43 -6.29 -14.18
CA ASP A 123 0.36 -6.46 -15.40
C ASP A 123 -0.61 -6.55 -16.58
N LEU A 124 -0.66 -5.49 -17.37
CA LEU A 124 -1.62 -5.37 -18.45
C LEU A 124 -1.04 -5.66 -19.83
N THR A 125 0.21 -6.11 -19.90
CA THR A 125 0.86 -6.30 -21.19
C THR A 125 0.01 -7.16 -22.11
N SER A 126 -0.48 -8.31 -21.62
CA SER A 126 -1.25 -9.22 -22.47
C SER A 126 -2.60 -8.62 -22.83
C SER A 126 -2.60 -8.62 -22.83
N ALA A 127 -3.30 -8.04 -21.84
CA ALA A 127 -4.59 -7.43 -22.13
C ALA A 127 -4.49 -6.32 -23.16
N VAL A 128 -3.37 -5.60 -23.17
CA VAL A 128 -3.18 -4.53 -24.13
C VAL A 128 -3.02 -5.09 -25.54
N GLN A 129 -2.23 -6.15 -25.68
CA GLN A 129 -2.06 -6.76 -26.99
C GLN A 129 -3.40 -7.21 -27.57
N GLU A 130 -4.23 -7.84 -26.73
CA GLU A 130 -5.53 -8.31 -27.22
C GLU A 130 -6.43 -7.14 -27.60
N ARG A 131 -6.43 -6.07 -26.81
CA ARG A 131 -7.24 -4.91 -27.17
C ARG A 131 -6.71 -4.25 -28.43
N LEU A 132 -5.39 -4.27 -28.63
CA LEU A 132 -4.81 -3.64 -29.82
C LEU A 132 -5.18 -4.37 -31.09
N GLN A 133 -5.19 -5.71 -31.07
CA GLN A 133 -5.58 -6.46 -32.26
C GLN A 133 -7.08 -6.29 -32.54
N LYS A 134 -7.87 -6.02 -31.51
CA LYS A 134 -9.30 -5.81 -31.69
C LYS A 134 -9.60 -4.43 -32.27
N LEU A 135 -8.76 -3.44 -31.99
CA LEU A 135 -9.00 -2.09 -32.48
C LEU A 135 -8.73 -1.99 -33.98
N GLN A 136 -7.73 -2.71 -34.48
CA GLN A 136 -7.43 -2.74 -35.91
C GLN A 136 -6.95 -1.37 -36.38
N GLY A 137 -5.93 -0.85 -35.71
CA GLY A 137 -5.41 0.46 -36.05
C GLY A 137 -6.41 1.58 -35.89
N GLN A 138 -7.43 1.38 -35.07
CA GLN A 138 -8.41 2.44 -34.84
C GLN A 138 -7.84 3.48 -33.88
N PRO A 139 -7.95 4.77 -34.20
CA PRO A 139 -7.45 5.78 -33.26
C PRO A 139 -8.21 5.72 -31.94
N ILE A 140 -7.55 6.20 -30.89
CA ILE A 140 -8.11 6.18 -29.55
C ILE A 140 -8.77 7.53 -29.27
N SER A 141 -10.07 7.50 -29.03
CA SER A 141 -10.81 8.70 -28.71
C SER A 141 -10.50 9.18 -27.29
N ALA A 142 -10.49 10.50 -27.13
CA ALA A 142 -10.32 11.08 -25.80
C ALA A 142 -11.48 10.75 -24.88
N ASP A 143 -12.64 10.41 -25.44
CA ASP A 143 -13.78 10.02 -24.63
C ASP A 143 -13.54 8.71 -23.89
N LEU A 144 -12.57 7.91 -24.35
CA LEU A 144 -12.23 6.67 -23.66
C LEU A 144 -11.27 6.89 -22.49
N LEU A 145 -10.82 8.13 -22.28
CA LEU A 145 -9.85 8.46 -21.23
C LEU A 145 -10.35 9.67 -20.44
N PRO A 146 -11.57 9.58 -19.88
CA PRO A 146 -12.19 10.78 -19.30
C PRO A 146 -11.59 11.23 -17.98
N SER A 147 -10.74 10.42 -17.33
CA SER A 147 -10.14 10.83 -16.07
C SER A 147 -8.62 10.67 -16.09
N THR A 148 -8.02 10.66 -17.28
CA THR A 148 -6.60 10.37 -17.45
C THR A 148 -5.81 11.66 -17.62
N TYR A 149 -4.69 11.76 -16.90
CA TYR A 149 -3.69 12.80 -17.09
C TYR A 149 -2.48 12.21 -17.79
N ILE A 150 -1.88 12.96 -18.71
CA ILE A 150 -0.62 12.59 -19.34
C ILE A 150 0.47 13.45 -18.70
N GLU A 151 1.30 12.84 -17.86
CA GLU A 151 2.32 13.58 -17.15
C GLU A 151 3.26 14.27 -18.13
N GLY A 152 3.55 15.55 -17.88
CA GLY A 152 4.41 16.34 -18.72
C GLY A 152 3.69 17.20 -19.74
N LEU A 153 2.40 16.94 -19.96
CA LEU A 153 1.63 17.68 -20.95
C LEU A 153 0.47 18.40 -20.29
N PRO A 154 0.00 19.50 -20.89
CA PRO A 154 0.49 20.09 -22.14
C PRO A 154 1.81 20.83 -21.99
N GLN A 155 2.53 21.03 -23.09
CA GLN A 155 3.75 21.81 -23.06
C GLN A 155 3.94 22.47 -24.41
N GLY A 156 4.83 23.47 -24.44
CA GLY A 156 5.17 24.12 -25.68
C GLY A 156 4.26 25.30 -25.99
N PRO A 157 4.45 25.90 -27.17
CA PRO A 157 3.67 27.06 -27.62
C PRO A 157 2.24 26.72 -28.02
N THR A 163 -6.61 28.55 -20.99
CA THR A 163 -7.33 27.93 -19.88
C THR A 163 -6.58 28.01 -18.57
N VAL A 164 -7.29 28.40 -17.52
CA VAL A 164 -6.68 28.46 -16.19
C VAL A 164 -7.40 27.52 -15.23
N GLN A 165 -8.02 26.45 -15.75
CA GLN A 165 -8.74 25.51 -14.91
C GLN A 165 -8.23 24.09 -15.10
N LYS A 166 -8.32 23.34 -14.00
CA LYS A 166 -7.73 22.01 -13.90
C LYS A 166 -8.15 21.10 -15.06
N GLU A 167 -9.46 20.98 -15.29
CA GLU A 167 -9.95 20.04 -16.30
C GLU A 167 -9.55 20.47 -17.70
N GLY A 168 -9.52 21.78 -17.96
CA GLY A 168 -9.07 22.25 -19.26
C GLY A 168 -7.64 21.86 -19.56
N MET A 169 -6.76 22.02 -18.57
CA MET A 169 -5.37 21.58 -18.70
C MET A 169 -5.31 20.09 -18.98
N ARG A 170 -6.04 19.29 -18.20
CA ARG A 170 -6.04 17.84 -18.42
C ARG A 170 -6.35 17.51 -19.86
N LYS A 171 -7.42 18.10 -20.40
CA LYS A 171 -7.84 17.79 -21.76
C LYS A 171 -6.82 18.28 -22.78
N GLN A 172 -6.20 19.44 -22.54
CA GLN A 172 -5.18 19.95 -23.47
C GLN A 172 -4.01 18.99 -23.55
N GLY A 173 -3.54 18.50 -22.39
CA GLY A 173 -2.46 17.54 -22.40
C GLY A 173 -2.83 16.23 -23.06
N LEU A 174 -4.06 15.75 -22.80
CA LEU A 174 -4.53 14.53 -23.43
C LEU A 174 -4.61 14.70 -24.94
N PHE A 175 -5.09 15.86 -25.41
CA PHE A 175 -5.19 16.08 -26.85
C PHE A 175 -3.81 16.08 -27.50
N GLN A 176 -2.83 16.75 -26.89
CA GLN A 176 -1.47 16.74 -27.43
C GLN A 176 -0.93 15.33 -27.51
N TRP A 177 -1.15 14.54 -26.45
CA TRP A 177 -0.68 13.16 -26.43
C TRP A 177 -1.32 12.35 -27.56
N LEU A 178 -2.65 12.43 -27.67
CA LEU A 178 -3.35 11.59 -28.64
C LEU A 178 -3.05 12.03 -30.06
N ASP A 179 -2.83 13.33 -30.29
CA ASP A 179 -2.49 13.81 -31.62
C ASP A 179 -1.15 13.25 -32.09
N SER A 180 -0.19 13.10 -31.18
CA SER A 180 1.16 12.65 -31.51
C SER A 180 1.28 11.14 -31.63
N LEU A 181 0.21 10.40 -31.37
CA LEU A 181 0.30 8.96 -31.19
C LEU A 181 0.33 8.22 -32.52
N GLN A 182 1.25 7.24 -32.62
CA GLN A 182 1.40 6.43 -33.83
C GLN A 182 0.55 5.16 -33.68
N ILE A 183 -0.72 5.30 -34.04
CA ILE A 183 -1.68 4.20 -33.89
C ILE A 183 -1.47 3.07 -34.88
N ASP A 184 -0.64 3.28 -35.92
CA ASP A 184 -0.41 2.25 -36.92
C ASP A 184 0.56 1.17 -36.45
N ASN A 185 1.32 1.41 -35.38
CA ASN A 185 2.38 0.52 -34.94
C ASN A 185 1.96 -0.16 -33.64
N LEU A 186 1.64 -1.45 -33.72
CA LEU A 186 1.16 -2.19 -32.56
C LEU A 186 2.25 -2.44 -31.52
N THR A 187 3.51 -2.17 -31.84
CA THR A 187 4.61 -2.33 -30.89
C THR A 187 5.06 -1.00 -30.30
N SER A 188 4.41 0.10 -30.64
CA SER A 188 4.75 1.41 -30.06
C SER A 188 4.50 1.40 -28.55
N PRO A 189 5.52 1.62 -27.72
CA PRO A 189 5.28 1.64 -26.27
C PRO A 189 4.29 2.70 -25.82
N ASP A 190 4.30 3.90 -26.42
CA ASP A 190 3.36 4.93 -26.01
C ASP A 190 1.93 4.52 -26.33
N LEU A 191 1.72 3.89 -27.49
CA LEU A 191 0.40 3.36 -27.81
C LEU A 191 -0.03 2.31 -26.81
N GLN A 192 0.90 1.41 -26.44
CA GLN A 192 0.57 0.37 -25.49
C GLN A 192 0.17 0.95 -24.13
N LEU A 193 0.89 1.98 -23.66
CA LEU A 193 0.49 2.63 -22.42
C LEU A 193 -0.91 3.23 -22.55
N THR A 194 -1.20 3.82 -23.71
CA THR A 194 -2.49 4.46 -23.90
C THR A 194 -3.63 3.45 -23.82
N VAL A 195 -3.46 2.30 -24.48
CA VAL A 195 -4.47 1.25 -24.37
C VAL A 195 -4.55 0.75 -22.93
N GLY A 196 -3.40 0.60 -22.29
CA GLY A 196 -3.41 0.28 -20.86
C GLY A 196 -4.26 1.24 -20.08
N ALA A 197 -4.16 2.54 -20.37
CA ALA A 197 -4.94 3.52 -19.65
C ALA A 197 -6.43 3.36 -19.94
N VAL A 198 -6.79 3.00 -21.17
CA VAL A 198 -8.18 2.73 -21.50
C VAL A 198 -8.73 1.59 -20.65
N ILE A 199 -7.95 0.51 -20.53
CA ILE A 199 -8.38 -0.62 -19.71
C ILE A 199 -8.51 -0.21 -18.26
N VAL A 200 -7.59 0.63 -17.77
CA VAL A 200 -7.64 1.03 -16.37
C VAL A 200 -8.84 1.95 -16.11
N GLU A 201 -9.23 2.77 -17.10
CA GLU A 201 -10.50 3.50 -16.98
C GLU A 201 -11.65 2.53 -16.78
N GLU A 202 -11.66 1.45 -17.56
CA GLU A 202 -12.73 0.45 -17.45
C GLU A 202 -12.68 -0.27 -16.11
N MET A 203 -11.48 -0.62 -15.65
CA MET A 203 -11.34 -1.25 -14.34
C MET A 203 -11.85 -0.34 -13.24
N ARG A 204 -11.44 0.93 -13.26
CA ARG A 204 -11.83 1.85 -12.20
C ARG A 204 -13.32 2.14 -12.23
N ALA A 205 -13.93 2.14 -13.43
CA ALA A 205 -15.37 2.31 -13.51
C ALA A 205 -16.09 1.11 -12.91
N ALA A 206 -15.57 -0.10 -13.16
CA ALA A 206 -16.16 -1.30 -12.57
C ALA A 206 -16.03 -1.29 -11.05
N ILE A 207 -14.88 -0.88 -10.53
CA ILE A 207 -14.73 -0.81 -9.08
C ILE A 207 -15.77 0.12 -8.48
N GLU A 208 -15.93 1.31 -9.09
CA GLU A 208 -16.86 2.28 -8.53
C GLU A 208 -18.30 1.82 -8.69
N ARG A 209 -18.64 1.25 -9.84
CA ARG A 209 -20.01 0.79 -10.05
C ARG A 209 -20.39 -0.30 -9.04
N GLU A 210 -19.48 -1.23 -8.80
CA GLU A 210 -19.82 -2.44 -8.06
C GLU A 210 -19.52 -2.35 -6.56
N THR A 211 -18.79 -1.33 -6.10
CA THR A 211 -18.51 -1.17 -4.67
C THR A 211 -18.88 0.19 -4.12
N GLY A 212 -19.00 1.22 -4.97
CA GLY A 212 -19.12 2.58 -4.51
C GLY A 212 -17.80 3.28 -4.26
N PHE A 213 -16.67 2.59 -4.35
CA PHE A 213 -15.38 3.14 -3.97
C PHE A 213 -14.67 3.78 -5.16
N GLN A 214 -14.12 4.96 -4.95
CA GLN A 214 -13.27 5.62 -5.93
C GLN A 214 -11.80 5.33 -5.65
N CYS A 215 -11.00 5.42 -6.71
CA CYS A 215 -9.58 5.14 -6.59
C CYS A 215 -8.83 5.97 -7.63
N SER A 216 -7.51 6.02 -7.44
CA SER A 216 -6.60 6.60 -8.42
C SER A 216 -5.73 5.48 -8.99
N ALA A 217 -5.09 5.75 -10.12
CA ALA A 217 -4.22 4.75 -10.72
C ALA A 217 -3.07 5.42 -11.46
N GLY A 218 -1.97 4.71 -11.55
CA GLY A 218 -0.85 5.09 -12.40
C GLY A 218 -0.65 4.01 -13.46
N ILE A 219 -0.31 4.44 -14.67
CA ILE A 219 -0.03 3.54 -15.78
C ILE A 219 1.35 3.88 -16.32
N SER A 220 2.25 2.92 -16.31
CA SER A 220 3.58 3.14 -16.87
C SER A 220 4.16 1.78 -17.27
N HIS A 221 5.50 1.71 -17.37
CA HIS A 221 6.17 0.52 -17.86
C HIS A 221 6.72 -0.36 -16.74
N ASN A 222 6.60 0.07 -15.48
CA ASN A 222 7.06 -0.75 -14.36
C ASN A 222 6.34 -0.29 -13.10
N LYS A 223 6.59 -1.02 -12.00
CA LYS A 223 5.85 -0.78 -10.77
C LYS A 223 6.23 0.55 -10.12
N VAL A 224 7.52 0.89 -10.12
CA VAL A 224 7.94 2.12 -9.46
C VAL A 224 7.34 3.34 -10.17
N LEU A 225 7.37 3.35 -11.51
CA LEU A 225 6.79 4.49 -12.22
C LEU A 225 5.27 4.50 -12.11
N ALA A 226 4.64 3.33 -12.08
CA ALA A 226 3.18 3.29 -11.93
C ALA A 226 2.77 3.83 -10.57
N LYS A 227 3.50 3.46 -9.52
CA LYS A 227 3.20 3.97 -8.18
CA LYS A 227 3.20 3.97 -8.19
C LYS A 227 3.42 5.47 -8.11
N LEU A 228 4.54 5.95 -8.65
CA LEU A 228 4.79 7.39 -8.68
C LEU A 228 3.69 8.11 -9.47
N ALA A 229 3.31 7.55 -10.62
CA ALA A 229 2.28 8.16 -11.45
C ALA A 229 0.97 8.27 -10.69
N CYS A 230 0.60 7.23 -9.94
CA CYS A 230 -0.68 7.19 -9.27
C CYS A 230 -0.87 8.40 -8.36
N GLY A 231 0.17 8.78 -7.61
CA GLY A 231 0.06 9.87 -6.68
C GLY A 231 0.05 11.26 -7.29
N LEU A 232 0.29 11.38 -8.60
CA LEU A 232 0.45 12.70 -9.18
C LEU A 232 -0.87 13.45 -9.32
N ASN A 233 -1.99 12.74 -9.42
CA ASN A 233 -3.28 13.40 -9.60
C ASN A 233 -4.37 12.78 -8.74
N LYS A 234 -4.01 12.09 -7.66
CA LYS A 234 -4.96 11.70 -6.62
C LYS A 234 -5.75 12.91 -6.11
N PRO A 235 -7.06 12.76 -5.85
CA PRO A 235 -7.91 11.56 -5.94
C PRO A 235 -8.77 11.44 -7.20
N ASN A 236 -9.31 10.24 -7.39
CA ASN A 236 -10.31 9.96 -8.43
C ASN A 236 -9.81 10.30 -9.83
N ARG A 237 -8.51 10.16 -10.08
CA ARG A 237 -7.93 10.37 -11.40
C ARG A 237 -6.83 9.35 -11.63
N GLN A 238 -6.46 9.17 -12.89
CA GLN A 238 -5.36 8.28 -13.24
C GLN A 238 -4.36 9.03 -14.11
N THR A 239 -3.10 8.60 -14.03
CA THR A 239 -1.99 9.33 -14.65
C THR A 239 -1.13 8.36 -15.44
N LEU A 240 -0.84 8.72 -16.69
CA LEU A 240 0.05 7.96 -17.55
C LEU A 240 1.43 8.63 -17.54
N VAL A 241 2.45 7.86 -17.16
CA VAL A 241 3.83 8.32 -17.18
C VAL A 241 4.54 7.53 -18.26
N SER A 242 4.87 8.20 -19.36
CA SER A 242 5.57 7.54 -20.46
C SER A 242 7.07 7.50 -20.18
N HIS A 243 7.77 6.64 -20.91
CA HIS A 243 9.22 6.60 -20.80
C HIS A 243 9.83 7.96 -21.11
N GLY A 244 9.33 8.65 -22.14
CA GLY A 244 9.86 9.94 -22.50
C GLY A 244 9.65 11.02 -21.45
N SER A 245 8.60 10.89 -20.63
CA SER A 245 8.35 11.88 -19.59
C SER A 245 9.35 11.81 -18.44
N VAL A 246 10.19 10.78 -18.38
CA VAL A 246 10.97 10.50 -17.16
C VAL A 246 12.06 11.55 -16.94
N PRO A 247 12.85 11.96 -17.93
CA PRO A 247 13.91 12.95 -17.64
C PRO A 247 13.41 14.22 -16.97
N GLN A 248 12.33 14.81 -17.48
CA GLN A 248 11.83 16.04 -16.85
C GLN A 248 11.19 15.75 -15.50
N LEU A 249 10.40 14.67 -15.42
CA LEU A 249 9.78 14.30 -14.16
C LEU A 249 10.81 14.08 -13.06
N PHE A 250 11.88 13.35 -13.38
CA PHE A 250 12.89 13.05 -12.38
C PHE A 250 13.82 14.21 -12.08
N SER A 251 13.85 15.23 -12.94
CA SER A 251 14.83 16.29 -12.79
C SER A 251 14.59 17.12 -11.54
N GLN A 252 13.36 17.12 -11.02
CA GLN A 252 13.05 17.84 -9.78
C GLN A 252 12.35 16.93 -8.77
N MET A 253 12.50 15.62 -8.91
CA MET A 253 11.78 14.67 -8.06
C MET A 253 12.65 14.30 -6.89
N PRO A 254 12.30 14.66 -5.65
CA PRO A 254 13.11 14.25 -4.50
C PRO A 254 13.29 12.73 -4.48
N ILE A 255 14.52 12.31 -4.19
CA ILE A 255 14.85 10.89 -4.18
C ILE A 255 13.88 10.12 -3.29
N ARG A 256 13.48 10.69 -2.16
CA ARG A 256 12.65 9.97 -1.20
C ARG A 256 11.27 9.62 -1.74
N LYS A 257 10.86 10.20 -2.86
CA LYS A 257 9.52 9.91 -3.39
C LYS A 257 9.45 8.58 -4.12
N ILE A 258 10.59 7.99 -4.47
CA ILE A 258 10.63 6.75 -5.24
C ILE A 258 10.51 5.59 -4.25
N ARG A 259 9.64 4.64 -4.57
CA ARG A 259 9.37 3.54 -3.65
C ARG A 259 10.66 2.78 -3.32
N SER A 260 10.91 2.65 -2.02
CA SER A 260 12.07 1.93 -1.43
C SER A 260 13.18 2.91 -1.06
N LEU A 261 13.07 4.17 -1.50
CA LEU A 261 14.05 5.19 -1.16
C LEU A 261 13.51 6.18 -0.13
N GLY A 262 12.37 5.88 0.48
CA GLY A 262 11.79 6.76 1.47
C GLY A 262 12.41 6.73 2.85
N GLY A 263 13.41 5.86 3.06
CA GLY A 263 14.01 5.70 4.37
C GLY A 263 15.50 5.92 4.41
N LYS A 264 16.21 5.03 5.10
CA LYS A 264 17.63 5.24 5.37
C LYS A 264 18.47 5.15 4.10
N LEU A 265 18.16 4.21 3.21
CA LEU A 265 18.92 4.10 1.97
C LEU A 265 18.82 5.39 1.16
N GLY A 266 17.60 5.91 1.00
CA GLY A 266 17.44 7.15 0.27
C GLY A 266 18.19 8.30 0.92
N ALA A 267 18.16 8.36 2.25
CA ALA A 267 18.92 9.39 2.96
C ALA A 267 20.42 9.22 2.71
N SER A 268 20.90 7.98 2.62
CA SER A 268 22.33 7.77 2.35
C SER A 268 22.69 8.12 0.91
N VAL A 269 21.79 7.89 -0.05
CA VAL A 269 22.05 8.31 -1.42
C VAL A 269 22.27 9.82 -1.47
N ILE A 270 21.39 10.57 -0.80
CA ILE A 270 21.49 12.02 -0.75
C ILE A 270 22.80 12.44 -0.11
N GLU A 271 23.13 11.85 1.05
CA GLU A 271 24.29 12.31 1.81
C GLU A 271 25.60 11.93 1.12
N ILE A 272 25.72 10.68 0.68
CA ILE A 272 26.98 10.20 0.13
C ILE A 272 27.27 10.90 -1.20
N LEU A 273 26.28 11.02 -2.07
CA LEU A 273 26.49 11.57 -3.39
C LEU A 273 26.31 13.07 -3.44
N GLY A 274 25.70 13.68 -2.42
CA GLY A 274 25.48 15.10 -2.42
C GLY A 274 24.49 15.56 -3.47
N ILE A 275 23.41 14.80 -3.65
CA ILE A 275 22.38 15.12 -4.64
C ILE A 275 21.04 15.21 -3.94
N GLU A 276 20.02 15.66 -4.68
CA GLU A 276 18.69 15.85 -4.12
C GLU A 276 17.62 15.13 -4.94
N TYR A 277 17.81 15.05 -6.25
CA TYR A 277 16.75 14.63 -7.16
C TYR A 277 17.13 13.34 -7.87
N MET A 278 16.09 12.57 -8.19
CA MET A 278 16.29 11.26 -8.80
C MET A 278 17.11 11.37 -10.09
N GLY A 279 16.86 12.41 -10.87
CA GLY A 279 17.54 12.53 -12.16
C GLY A 279 19.04 12.69 -12.03
N GLU A 280 19.50 13.26 -10.92
CA GLU A 280 20.94 13.47 -10.74
C GLU A 280 21.71 12.16 -10.67
N LEU A 281 21.03 11.04 -10.40
CA LEU A 281 21.72 9.76 -10.33
C LEU A 281 22.30 9.30 -11.67
N THR A 282 21.84 9.88 -12.80
CA THR A 282 22.30 9.40 -14.10
C THR A 282 23.79 9.65 -14.32
N GLN A 283 24.38 10.62 -13.61
CA GLN A 283 25.78 10.97 -13.76
C GLN A 283 26.70 10.05 -13.05
N PHE A 284 26.25 8.94 -12.46
CA PHE A 284 27.15 8.00 -11.83
C PHE A 284 27.17 6.69 -12.62
N THR A 285 28.34 6.06 -12.67
CA THR A 285 28.42 4.77 -13.32
C THR A 285 27.76 3.71 -12.46
N GLU A 286 27.38 2.60 -13.09
CA GLU A 286 26.81 1.49 -12.35
C GLU A 286 27.77 1.02 -11.27
N SER A 287 29.06 0.94 -11.58
N SER A 287 29.06 0.94 -11.58
CA SER A 287 30.03 0.49 -10.59
C SER A 287 30.14 1.47 -9.43
N GLN A 288 30.06 2.78 -9.71
CA GLN A 288 30.09 3.76 -8.63
C GLN A 288 28.93 3.54 -7.67
N LEU A 289 27.72 3.37 -8.20
CA LEU A 289 26.55 3.19 -7.34
C LEU A 289 26.64 1.87 -6.58
N GLN A 290 27.11 0.82 -7.24
CA GLN A 290 27.30 -0.45 -6.55
C GLN A 290 28.31 -0.31 -5.42
N SER A 291 29.33 0.52 -5.61
CA SER A 291 30.38 0.64 -4.60
C SER A 291 29.84 1.28 -3.32
N HIS A 292 28.85 2.15 -3.43
CA HIS A 292 28.30 2.83 -2.26
C HIS A 292 27.15 2.06 -1.63
N PHE A 293 26.31 1.43 -2.44
CA PHE A 293 25.02 0.91 -1.99
C PHE A 293 24.88 -0.59 -2.18
N GLY A 294 25.90 -1.27 -2.67
CA GLY A 294 25.85 -2.70 -2.87
C GLY A 294 25.52 -3.05 -4.31
N GLU A 295 25.87 -4.29 -4.67
CA GLU A 295 25.68 -4.74 -6.05
C GLU A 295 24.21 -4.64 -6.47
N LYS A 296 23.31 -5.14 -5.62
CA LYS A 296 21.90 -5.17 -5.99
C LYS A 296 21.30 -3.77 -6.04
N ASN A 297 21.47 -2.99 -4.96
CA ASN A 297 20.93 -1.64 -4.94
C ASN A 297 21.54 -0.78 -6.04
N GLY A 298 22.86 -0.92 -6.27
CA GLY A 298 23.52 -0.06 -7.24
C GLY A 298 23.02 -0.31 -8.66
N SER A 299 22.84 -1.58 -9.02
CA SER A 299 22.28 -1.90 -10.33
C SER A 299 20.84 -1.40 -10.44
N TRP A 300 20.07 -1.54 -9.37
CA TRP A 300 18.69 -1.06 -9.38
C TRP A 300 18.64 0.45 -9.57
N LEU A 301 19.48 1.19 -8.84
CA LEU A 301 19.48 2.65 -8.97
C LEU A 301 19.92 3.09 -10.35
N TYR A 302 20.96 2.45 -10.90
CA TYR A 302 21.45 2.82 -12.22
C TYR A 302 20.32 2.75 -13.25
N ALA A 303 19.54 1.67 -13.21
CA ALA A 303 18.45 1.53 -14.16
C ALA A 303 17.27 2.41 -13.79
N MET A 304 16.96 2.53 -12.50
CA MET A 304 15.74 3.22 -12.09
C MET A 304 15.79 4.70 -12.40
N CYS A 305 16.95 5.35 -12.25
CA CYS A 305 17.02 6.78 -12.54
C CYS A 305 16.87 7.04 -14.04
N ARG A 306 16.93 6.01 -14.87
CA ARG A 306 16.65 6.09 -16.29
C ARG A 306 15.23 5.64 -16.63
N GLY A 307 14.42 5.36 -15.61
CA GLY A 307 13.06 4.94 -15.80
C GLY A 307 12.89 3.45 -16.02
N ILE A 308 13.89 2.65 -15.70
CA ILE A 308 13.93 1.23 -16.01
C ILE A 308 13.94 0.43 -14.72
N GLU A 309 13.05 -0.56 -14.65
CA GLU A 309 12.98 -1.46 -13.50
C GLU A 309 12.32 -2.75 -13.97
N HIS A 310 12.77 -3.88 -13.42
CA HIS A 310 12.33 -5.19 -13.89
C HIS A 310 11.53 -5.97 -12.86
N ASP A 311 11.37 -5.46 -11.64
CA ASP A 311 10.61 -6.16 -10.61
C ASP A 311 9.26 -6.59 -11.17
N PRO A 312 8.96 -7.89 -11.23
CA PRO A 312 7.70 -8.31 -11.84
C PRO A 312 6.49 -8.12 -10.94
N VAL A 313 5.33 -7.97 -11.59
CA VAL A 313 4.06 -8.04 -10.90
C VAL A 313 3.85 -9.49 -10.47
N LYS A 314 3.95 -9.76 -9.18
CA LYS A 314 3.87 -11.12 -8.70
C LYS A 314 2.42 -11.60 -8.71
N PRO A 315 2.14 -12.81 -9.19
CA PRO A 315 0.77 -13.32 -9.13
C PRO A 315 0.40 -13.73 -7.71
N ARG A 316 -0.06 -12.76 -6.91
CA ARG A 316 -0.39 -13.03 -5.51
C ARG A 316 -1.51 -12.07 -5.10
N GLN A 317 -2.70 -12.63 -4.90
CA GLN A 317 -3.86 -11.84 -4.54
C GLN A 317 -4.18 -11.89 -3.05
N LEU A 318 -3.65 -12.86 -2.33
CA LEU A 318 -3.92 -13.04 -0.92
C LEU A 318 -2.70 -12.67 -0.08
N PRO A 319 -2.90 -12.14 1.13
CA PRO A 319 -1.76 -11.95 2.03
C PRO A 319 -1.14 -13.30 2.38
N LYS A 320 0.18 -13.29 2.56
CA LYS A 320 0.89 -14.52 2.90
C LYS A 320 1.14 -14.65 4.40
N THR A 321 0.67 -13.71 5.21
CA THR A 321 0.66 -13.86 6.66
C THR A 321 -0.66 -13.35 7.19
N ILE A 322 -1.04 -13.86 8.36
CA ILE A 322 -2.24 -13.42 9.07
C ILE A 322 -1.81 -13.14 10.50
N GLY A 323 -1.82 -11.87 10.89
CA GLY A 323 -1.22 -11.46 12.14
C GLY A 323 -2.15 -10.60 12.97
N CYS A 324 -1.92 -10.66 14.28
CA CYS A 324 -2.69 -9.90 15.27
CA CYS A 324 -2.70 -9.91 15.27
CA CYS A 324 -2.70 -9.89 15.25
C CYS A 324 -1.73 -9.31 16.28
N SER A 325 -1.92 -8.03 16.62
CA SER A 325 -0.99 -7.40 17.54
CA SER A 325 -0.97 -7.30 17.46
C SER A 325 -1.70 -6.35 18.38
N LYS A 326 -1.11 -6.09 19.55
CA LYS A 326 -1.62 -5.04 20.43
C LYS A 326 -0.46 -4.44 21.22
N ASN A 327 -0.43 -3.11 21.27
CA ASN A 327 0.52 -2.37 22.09
C ASN A 327 -0.08 -2.10 23.46
N PHE A 328 0.80 -2.01 24.46
CA PHE A 328 0.41 -1.74 25.84
C PHE A 328 1.30 -0.60 26.33
N PRO A 329 1.00 0.63 25.92
CA PRO A 329 1.93 1.74 26.15
C PRO A 329 1.82 2.29 27.55
N GLY A 330 2.82 3.10 27.91
CA GLY A 330 2.85 3.82 29.17
C GLY A 330 2.59 2.94 30.38
N LYS A 331 1.57 3.28 31.14
CA LYS A 331 1.25 2.57 32.38
C LYS A 331 0.40 1.32 32.14
N THR A 332 -0.04 1.08 30.91
CA THR A 332 -0.83 -0.12 30.64
C THR A 332 0.03 -1.35 30.38
N ALA A 333 1.36 -1.20 30.39
CA ALA A 333 2.24 -2.33 30.10
C ALA A 333 1.92 -3.51 31.00
N LEU A 334 2.00 -4.71 30.42
CA LEU A 334 1.59 -5.92 31.13
C LEU A 334 2.66 -6.32 32.14
N ALA A 335 2.24 -6.50 33.40
CA ALA A 335 3.16 -6.71 34.50
C ALA A 335 2.84 -7.95 35.33
N THR A 336 1.88 -8.78 34.89
CA THR A 336 1.51 -9.98 35.63
C THR A 336 1.25 -11.12 34.65
N ARG A 337 1.46 -12.34 35.13
CA ARG A 337 1.31 -13.52 34.27
C ARG A 337 -0.13 -13.67 33.81
N GLU A 338 -1.10 -13.52 34.71
CA GLU A 338 -2.50 -13.58 34.31
C GLU A 338 -2.81 -12.57 33.22
N GLN A 339 -2.23 -11.37 33.31
CA GLN A 339 -2.39 -10.36 32.28
C GLN A 339 -1.87 -10.85 30.95
N VAL A 340 -0.59 -11.24 30.91
CA VAL A 340 0.03 -11.70 29.67
C VAL A 340 -0.77 -12.85 29.07
N GLN A 341 -1.28 -13.74 29.92
CA GLN A 341 -2.01 -14.90 29.42
C GLN A 341 -3.41 -14.54 28.95
N TRP A 342 -4.05 -13.55 29.57
CA TRP A 342 -5.37 -13.17 29.11
C TRP A 342 -5.31 -12.50 27.75
N TRP A 343 -4.30 -11.66 27.53
CA TRP A 343 -4.20 -10.94 26.27
C TRP A 343 -3.70 -11.83 25.13
N LEU A 344 -2.78 -12.75 25.42
CA LEU A 344 -2.39 -13.72 24.39
C LEU A 344 -3.61 -14.51 23.92
N LEU A 345 -4.53 -14.81 24.83
CA LEU A 345 -5.75 -15.51 24.45
C LEU A 345 -6.66 -14.63 23.60
N GLN A 346 -6.78 -13.34 23.94
CA GLN A 346 -7.57 -12.44 23.11
C GLN A 346 -7.01 -12.39 21.70
N LEU A 347 -5.70 -12.20 21.57
CA LEU A 347 -5.07 -12.21 20.26
C LEU A 347 -5.26 -13.54 19.56
N ALA A 348 -5.05 -14.65 20.28
CA ALA A 348 -5.17 -15.97 19.69
C ALA A 348 -6.59 -16.25 19.23
N GLN A 349 -7.59 -15.68 19.90
CA GLN A 349 -8.97 -15.91 19.51
C GLN A 349 -9.32 -15.18 18.22
N GLU A 350 -8.84 -13.96 18.06
CA GLU A 350 -9.04 -13.27 16.77
C GLU A 350 -8.31 -14.01 15.67
N LEU A 351 -7.09 -14.47 15.95
CA LEU A 351 -6.31 -15.15 14.92
C LEU A 351 -6.98 -16.46 14.51
N GLU A 352 -7.49 -17.21 15.48
CA GLU A 352 -8.24 -18.43 15.16
C GLU A 352 -9.43 -18.11 14.24
N GLU A 353 -10.17 -17.04 14.55
CA GLU A 353 -11.34 -16.68 13.76
C GLU A 353 -10.95 -16.36 12.32
N ARG A 354 -9.88 -15.58 12.15
CA ARG A 354 -9.42 -15.21 10.82
C ARG A 354 -8.81 -16.40 10.09
N LEU A 355 -8.07 -17.25 10.81
CA LEU A 355 -7.44 -18.41 10.18
C LEU A 355 -8.48 -19.40 9.69
N THR A 356 -9.49 -19.69 10.52
CA THR A 356 -10.53 -20.62 10.12
C THR A 356 -11.26 -20.12 8.87
N LYS A 357 -11.57 -18.82 8.84
CA LYS A 357 -12.18 -18.24 7.66
C LYS A 357 -11.24 -18.32 6.45
N ASP A 358 -9.94 -18.08 6.67
CA ASP A 358 -8.99 -18.15 5.57
C ASP A 358 -8.90 -19.57 5.01
N ARG A 359 -8.95 -20.57 5.89
CA ARG A 359 -8.86 -21.95 5.43
C ARG A 359 -10.09 -22.35 4.60
N ASN A 360 -11.27 -21.92 5.04
CA ASN A 360 -12.49 -22.21 4.29
C ASN A 360 -12.51 -21.49 2.95
N ASP A 361 -12.08 -20.23 2.93
CA ASP A 361 -12.15 -19.43 1.70
C ASP A 361 -11.06 -19.80 0.70
N ASN A 362 -9.87 -20.13 1.18
CA ASN A 362 -8.68 -20.12 0.33
C ASN A 362 -7.94 -21.44 0.25
N ASP A 363 -8.45 -22.50 0.88
CA ASP A 363 -7.87 -23.84 0.74
C ASP A 363 -6.38 -23.85 1.08
N ARG A 364 -6.08 -23.39 2.29
CA ARG A 364 -4.70 -23.39 2.76
C ARG A 364 -4.70 -23.34 4.28
N VAL A 365 -3.59 -23.79 4.86
CA VAL A 365 -3.40 -23.82 6.29
C VAL A 365 -2.04 -23.24 6.63
N ALA A 366 -2.00 -22.39 7.65
CA ALA A 366 -0.75 -21.94 8.20
C ALA A 366 -0.09 -23.06 9.00
N THR A 367 1.24 -23.09 8.98
CA THR A 367 2.00 -24.11 9.68
C THR A 367 2.97 -23.58 10.73
N GLN A 368 3.20 -22.28 10.77
CA GLN A 368 4.13 -21.70 11.74
C GLN A 368 3.44 -20.55 12.45
N LEU A 369 3.65 -20.47 13.77
CA LEU A 369 3.16 -19.37 14.59
C LEU A 369 4.36 -18.55 15.04
N VAL A 370 4.38 -17.28 14.68
CA VAL A 370 5.43 -16.36 15.10
C VAL A 370 4.91 -15.57 16.30
N VAL A 371 5.72 -15.52 17.34
CA VAL A 371 5.37 -14.84 18.58
C VAL A 371 6.42 -13.77 18.83
N SER A 372 5.97 -12.53 18.99
CA SER A 372 6.89 -11.42 19.18
C SER A 372 6.37 -10.54 20.30
N ILE A 373 7.30 -9.98 21.07
CA ILE A 373 6.97 -9.12 22.19
C ILE A 373 7.92 -7.93 22.19
N ARG A 374 7.50 -6.88 22.90
CA ARG A 374 8.34 -5.73 23.18
C ARG A 374 8.39 -5.57 24.69
N VAL A 375 9.55 -5.20 25.19
CA VAL A 375 9.74 -4.95 26.61
C VAL A 375 9.99 -3.45 26.79
N GLN A 376 9.51 -2.92 27.90
CA GLN A 376 9.65 -1.50 28.15
C GLN A 376 11.13 -1.11 28.16
N GLY A 377 11.45 -0.02 27.45
CA GLY A 377 12.81 0.48 27.34
C GLY A 377 13.40 0.34 25.95
N ASP A 378 12.99 -0.68 25.20
CA ASP A 378 13.55 -0.93 23.88
C ASP A 378 12.93 0.01 22.86
N LYS A 379 13.79 0.75 22.14
CA LYS A 379 13.32 1.64 21.10
C LYS A 379 12.91 0.90 19.84
N ARG A 380 13.37 -0.34 19.66
CA ARG A 380 13.03 -1.11 18.48
C ARG A 380 11.56 -1.51 18.50
N LEU A 381 10.97 -1.60 17.29
CA LEU A 381 9.60 -2.06 17.17
C LEU A 381 9.39 -3.38 17.89
N SER A 382 10.25 -4.36 17.61
CA SER A 382 10.22 -5.66 18.29
C SER A 382 11.45 -5.82 19.15
N SER A 383 11.30 -6.56 20.25
CA SER A 383 12.40 -6.91 21.13
C SER A 383 12.77 -8.38 21.10
N LEU A 384 11.89 -9.23 20.58
CA LEU A 384 12.13 -10.67 20.51
C LEU A 384 11.14 -11.27 19.55
N ARG A 385 11.58 -12.28 18.81
CA ARG A 385 10.71 -13.00 17.88
C ARG A 385 11.09 -14.47 17.91
N ARG A 386 10.13 -15.33 18.23
CA ARG A 386 10.34 -16.78 18.25
C ARG A 386 9.21 -17.44 17.48
N CYS A 387 9.55 -18.52 16.76
N CYS A 387 9.55 -18.52 16.76
CA CYS A 387 8.60 -19.27 15.97
C CYS A 387 8.40 -20.64 16.57
N CYS A 388 7.15 -21.07 16.67
CA CYS A 388 6.82 -22.44 17.05
C CYS A 388 5.85 -23.01 16.02
N ALA A 389 5.55 -24.30 16.16
CA ALA A 389 4.71 -24.99 15.20
C ALA A 389 3.24 -24.64 15.41
N LEU A 390 2.52 -24.51 14.32
CA LEU A 390 1.08 -24.23 14.34
C LEU A 390 0.38 -25.46 13.77
N THR A 391 -0.03 -26.37 14.65
CA THR A 391 -0.59 -27.65 14.24
C THR A 391 -2.10 -27.70 14.31
N ARG A 392 -2.73 -26.83 15.09
CA ARG A 392 -4.18 -26.80 15.23
C ARG A 392 -4.69 -25.37 15.31
N TYR A 393 -5.78 -25.09 14.60
CA TYR A 393 -6.45 -23.80 14.71
C TYR A 393 -7.30 -23.81 15.97
N ASP A 394 -6.62 -23.65 17.11
CA ASP A 394 -7.27 -23.63 18.42
C ASP A 394 -6.69 -22.48 19.24
N ALA A 395 -7.53 -21.53 19.65
CA ALA A 395 -7.03 -20.33 20.31
C ALA A 395 -6.33 -20.66 21.61
N HIS A 396 -6.90 -21.58 22.40
CA HIS A 396 -6.29 -21.89 23.68
C HIS A 396 -4.92 -22.55 23.50
N LYS A 397 -4.79 -23.44 22.51
CA LYS A 397 -3.49 -24.04 22.25
C LYS A 397 -2.48 -23.00 21.74
N MET A 398 -2.90 -22.14 20.81
CA MET A 398 -1.98 -21.15 20.28
C MET A 398 -1.53 -20.19 21.38
N SER A 399 -2.45 -19.77 22.25
CA SER A 399 -2.08 -18.86 23.32
C SER A 399 -1.20 -19.56 24.36
N HIS A 400 -1.47 -20.84 24.64
CA HIS A 400 -0.60 -21.57 25.55
C HIS A 400 0.79 -21.74 24.97
N ASP A 401 0.88 -22.06 23.67
CA ASP A 401 2.19 -22.22 23.04
C ASP A 401 2.96 -20.90 23.01
N ALA A 402 2.26 -19.81 22.69
CA ALA A 402 2.92 -18.50 22.67
C ALA A 402 3.54 -18.19 24.03
N PHE A 403 2.79 -18.41 25.10
CA PHE A 403 3.33 -18.18 26.43
C PHE A 403 4.57 -19.03 26.68
N THR A 404 4.57 -20.26 26.16
CA THR A 404 5.70 -21.15 26.39
C THR A 404 6.99 -20.62 25.77
N VAL A 405 6.90 -19.99 24.60
CA VAL A 405 8.12 -19.55 23.94
C VAL A 405 8.64 -18.22 24.50
N ILE A 406 7.81 -17.46 25.21
CA ILE A 406 8.23 -16.19 25.79
C ILE A 406 8.38 -16.24 27.30
N LYS A 407 7.89 -17.30 27.96
CA LYS A 407 7.91 -17.33 29.42
C LYS A 407 9.33 -17.17 29.98
N ASN A 408 10.34 -17.59 29.21
CA ASN A 408 11.72 -17.48 29.68
C ASN A 408 12.21 -16.04 29.77
N MET A 409 11.51 -15.10 29.15
CA MET A 409 11.94 -13.71 29.21
C MET A 409 11.45 -12.98 30.45
N ASN A 410 10.59 -13.61 31.25
CA ASN A 410 10.14 -12.99 32.50
C ASN A 410 11.30 -12.99 33.48
N THR A 411 11.95 -11.82 33.63
CA THR A 411 13.14 -11.73 34.46
C THR A 411 12.80 -11.66 35.95
N SER A 412 11.56 -11.34 36.31
CA SER A 412 11.20 -11.27 37.72
C SER A 412 11.50 -12.58 38.41
N GLY A 413 12.15 -12.48 39.57
CA GLY A 413 12.47 -13.68 40.34
C GLY A 413 11.26 -14.54 40.60
N ILE A 414 10.18 -13.92 41.09
CA ILE A 414 8.91 -14.61 41.31
C ILE A 414 8.14 -14.67 40.00
N GLN A 415 7.48 -15.80 39.76
CA GLN A 415 6.75 -16.00 38.51
C GLN A 415 5.62 -14.99 38.37
N THR A 416 4.76 -14.91 39.38
CA THR A 416 3.51 -14.16 39.33
C THR A 416 3.64 -12.78 38.71
N GLU A 417 4.81 -12.14 38.83
CA GLU A 417 5.05 -10.85 38.22
C GLU A 417 5.77 -11.02 36.89
N TRP A 418 5.64 -10.02 36.04
CA TRP A 418 6.37 -9.97 34.78
C TRP A 418 7.21 -8.72 34.73
N SER A 419 8.52 -8.89 34.60
CA SER A 419 9.42 -7.75 34.47
C SER A 419 10.56 -8.05 33.49
N PRO A 420 10.99 -7.04 32.71
CA PRO A 420 10.34 -5.73 32.60
C PRO A 420 9.00 -5.84 31.88
N PRO A 421 8.04 -4.97 32.20
CA PRO A 421 6.69 -5.11 31.63
C PRO A 421 6.69 -5.22 30.11
N LEU A 422 5.64 -5.82 29.56
CA LEU A 422 5.51 -6.00 28.12
C LEU A 422 4.65 -4.88 27.54
N THR A 423 5.16 -4.24 26.50
CA THR A 423 4.46 -3.16 25.82
C THR A 423 3.93 -3.56 24.44
N MET A 424 4.09 -4.82 24.04
CA MET A 424 3.52 -5.29 22.79
CA MET A 424 3.52 -5.30 22.79
C MET A 424 3.47 -6.81 22.81
N LEU A 425 2.36 -7.35 22.33
CA LEU A 425 2.22 -8.77 22.04
C LEU A 425 1.83 -8.89 20.56
N PHE A 426 2.40 -9.88 19.88
CA PHE A 426 2.19 -10.04 18.44
CA PHE A 426 2.20 -10.04 18.45
C PHE A 426 2.18 -11.52 18.11
N LEU A 427 1.12 -11.97 17.45
CA LEU A 427 1.01 -13.33 16.97
C LEU A 427 0.78 -13.30 15.46
N CYS A 428 1.53 -14.13 14.72
CA CYS A 428 1.42 -14.14 13.27
C CYS A 428 1.46 -15.57 12.77
N ALA A 429 0.47 -15.93 11.97
CA ALA A 429 0.43 -17.22 11.30
C ALA A 429 1.09 -17.09 9.92
N THR A 430 1.97 -18.02 9.60
CA THR A 430 2.70 -17.95 8.34
C THR A 430 3.02 -19.37 7.86
N LYS A 431 3.77 -19.43 6.76
CA LYS A 431 4.15 -20.70 6.15
C LYS A 431 2.91 -21.51 5.76
N PHE A 432 2.15 -20.95 4.83
CA PHE A 432 0.93 -21.60 4.37
C PHE A 432 1.25 -22.75 3.44
N SER A 433 0.45 -23.81 3.54
CA SER A 433 0.48 -24.93 2.63
C SER A 433 -0.94 -25.22 2.15
N ALA A 434 -1.05 -25.81 0.96
CA ALA A 434 -2.35 -26.12 0.41
C ALA A 434 -3.10 -27.09 1.32
N SER A 435 -4.42 -27.01 1.29
CA SER A 435 -5.27 -27.90 2.08
C SER A 435 -6.62 -28.06 1.41
P CAR C 8 3.39 2.20 -0.34
P CAR C 8 3.45 3.63 0.70
OP1 CAR C 8 2.90 1.74 -1.69
OP1 CAR C 8 2.92 4.08 -0.64
OP2 CAR C 8 3.53 3.67 -0.04
OP2 CAR C 8 3.72 4.67 1.77
O5' CAR C 8 2.42 1.56 0.73
O5' CAR C 8 2.46 2.54 1.30
C5' CAR C 8 1.18 2.16 1.04
C5' CAR C 8 1.05 2.66 1.16
C4' CAR C 8 0.26 1.17 1.71
C4' CAR C 8 0.33 1.45 1.70
O4' CAR C 8 0.94 0.61 2.87
O4' CAR C 8 1.06 0.88 2.83
C3' CAR C 8 -1.05 1.77 2.22
C3' CAR C 8 -1.08 1.74 2.22
O3' CAR C 8 -2.09 0.80 2.11
O3' CAR C 8 -1.92 0.61 1.99
C2' CAR C 8 -0.73 2.04 3.69
C2' CAR C 8 -0.85 1.91 3.71
O2' CAR C 8 -0.04 3.26 3.92
O2' CAR C 8 -0.40 3.20 4.09
C1' CAR C 8 0.16 0.86 4.03
C1' CAR C 8 0.23 0.87 3.97
N1 CAR C 8 1.04 1.17 5.16
C2 CAR C 8 0.62 0.81 6.45
O2 CAR C 8 -0.47 0.21 6.59
N3 CAR C 8 1.38 1.10 7.52
C4 CAR C 8 2.55 1.76 7.36
N4 CAR C 8 3.31 2.05 8.43
C5 CAR C 8 2.98 2.13 6.10
C6 CAR C 8 2.19 1.84 4.99
H5' CAR C 8 0.71 2.54 0.13
H5' CAR C 8 0.71 3.55 1.69
H5'' CAR C 8 1.34 3.01 1.71
H5'' CAR C 8 0.81 2.78 0.11
H4' CAR C 8 0.03 0.37 0.99
H4' CAR C 8 0.26 0.70 0.90
H3' CAR C 8 -1.29 2.70 1.69
H3' CAR C 8 -1.48 2.65 1.78
HO3' CAR C 8 -2.88 0.99 1.56
HO3' CAR C 8 -2.72 0.70 1.42
H2' CAR C 8 -1.66 1.98 4.28
H2' CAR C 8 -1.75 1.64 4.26
HO2' CAR C 8 -0.59 3.99 3.63
HO2' CAR C 8 -1.07 3.85 3.86
H1' CAR C 8 -0.46 -0.02 4.25
H1' CAR C 8 -0.24 -0.12 4.08
HN41 CAR C 8 4.19 2.55 8.31
HN42 CAR C 8 3.01 1.79 9.36
H5 CAR C 8 3.92 2.65 5.97
H6 CAR C 8 2.52 2.12 4.01
MG MG D . -5.05 4.65 -0.59
MG MG E . -2.28 2.63 -0.62
N1 DZ4 F . -1.58 2.76 10.52
C2 DZ4 F . -2.79 2.19 10.45
N3 DZ4 F . -3.55 2.19 9.33
C4 DZ4 F . -3.09 2.79 8.21
C5 DZ4 F . -1.78 3.43 8.20
C6 DZ4 F . -1.02 3.38 9.45
N6 DZ4 F . 0.21 3.95 9.50
N7 DZ4 F . -1.58 3.94 6.97
C8 DZ4 F . -2.70 3.65 6.24
N9 DZ4 F . -3.59 2.97 6.99
PA DZ4 F . -3.22 4.77 2.31
PB DZ4 F . -5.69 6.44 2.10
PG DZ4 F . -5.07 8.12 -0.12
C1' DZ4 F . -4.91 2.46 6.55
O1A DZ4 F . -3.40 4.49 0.87
O1B DZ4 F . -6.12 5.34 1.20
O1G DZ4 F . -4.68 6.77 -0.67
C2' DZ4 F . -5.95 3.58 6.48
O2A DZ4 F . -1.77 5.29 2.63
O2B DZ4 F . -6.69 6.56 3.35
O2G DZ4 F . -6.26 8.75 -0.81
C3' DZ4 F . -5.99 3.96 5.02
O3' DZ4 F . -7.25 4.46 4.59
N3A DZ4 F . -4.14 6.15 2.79
O3B DZ4 F . -5.63 7.87 1.37
O3G DZ4 F . -3.92 9.06 0.13
C4' DZ4 F . -5.62 2.65 4.32
O4' DZ4 F . -4.77 1.94 5.23
C5' DZ4 F . -4.90 2.86 3.00
O5' DZ4 F . -3.65 3.51 3.22
H2 DZ4 F . -3.18 1.70 11.34
HN6 DZ4 F . 0.75 3.93 10.34
HN6A DZ4 F . 0.57 4.41 8.67
H8 DZ4 F . -2.84 3.93 5.21
H1' DZ4 F . -5.27 1.69 7.24
H2' DZ4 F . -6.92 3.23 6.82
H2'A DZ4 F . -5.64 4.44 7.09
HO2A DZ4 F . -1.53 5.54 3.54
HO2B DZ4 F . -6.51 7.19 4.06
H3' DZ4 F . -5.20 4.69 4.82
HN3A DZ4 F . -3.76 6.79 3.48
H4' DZ4 F . -6.53 2.07 4.14
H5' DZ4 F . -4.74 1.91 2.51
H5'A DZ4 F . -5.52 3.48 2.34
C1 GOL G . 21.37 19.05 -5.70
O1 GOL G . 22.65 18.58 -6.09
C2 GOL G . 21.16 20.42 -6.34
O2 GOL G . 21.73 20.45 -7.62
C3 GOL G . 19.66 20.73 -6.42
O3 GOL G . 19.40 21.68 -7.42
H11 GOL G . 21.32 19.13 -4.62
H12 GOL G . 20.60 18.36 -6.05
HO1 GOL G . 22.83 17.73 -5.63
H2 GOL G . 21.62 21.17 -5.71
HO2 GOL G . 21.30 19.78 -8.19
H31 GOL G . 19.31 21.08 -5.45
H32 GOL G . 19.12 19.81 -6.64
HO3 GOL G . 20.16 21.74 -8.03
C1 GOL H . 18.20 15.47 -14.79
O1 GOL H . 18.90 15.24 -13.60
C2 GOL H . 17.64 14.12 -15.17
O2 GOL H . 16.26 14.10 -14.89
C3 GOL H . 17.94 13.75 -16.62
O3 GOL H . 17.47 12.44 -16.89
H11 GOL H . 18.87 15.85 -15.57
H12 GOL H . 17.39 16.19 -14.63
HO1 GOL H . 19.36 16.06 -13.32
H2 GOL H . 18.11 13.37 -14.55
HO2 GOL H . 15.80 14.74 -15.49
H31 GOL H . 19.02 13.80 -16.79
H32 GOL H . 17.46 14.46 -17.29
HO3 GOL H . 17.86 12.12 -17.73
#